data_3C9E
#
_entry.id   3C9E
#
_cell.length_a   42.000
_cell.length_b   143.900
_cell.length_c   87.200
_cell.angle_alpha   90.00
_cell.angle_beta   90.00
_cell.angle_gamma   90.00
#
_symmetry.space_group_name_H-M   'C 2 2 21'
#
loop_
_entity.id
_entity.type
_entity.pdbx_description
1 polymer 'Cathepsin K'
2 branched '2-acetamido-2-deoxy-4-O-sulfo-beta-D-galactopyranose-(1-4)-beta-D-glucopyranuronic acid-(1-3)-2-acetamido-2-deoxy-4-O-sulfo-beta-D-galactopyranose-(1-4)-beta-D-glucopyranuronic acid-(1-3)-2-acetamido-2-deoxy-4-O-sulfo-beta-D-galactopyranose-(1-4)-beta-D-glucopyranuronic acid'
3 non-polymer 'CALCIUM ION'
4 non-polymer N-[N-[1-HYDROXYCARBOXYETHYL-CARBONYL]LEUCYLAMINO-BUTYL]-GUANIDINE
5 water water
#
_entity_poly.entity_id   1
_entity_poly.type   'polypeptide(L)'
_entity_poly.pdbx_seq_one_letter_code
;APDSVDYRKKGYVTPVKNQGQCGSCWAFSSVGALEGQLKKKTGKLLNLSPQNLVDCVSENDGCGGGYMTNAFQYVQKNRG
IDSEDAYPYVGQEESCMYNPTGKAAKCRGYREIPEGNEKALKRAVARVGPVSVAIDASLTSFQFYSKGVYYDESCNSDNL
NHAVLAVGYGIQKGNKHWIIKNSWGENWGNKGYILMARNKNNACGIANLASFPKM
;
_entity_poly.pdbx_strand_id   A
#
loop_
_chem_comp.id
_chem_comp.type
_chem_comp.name
_chem_comp.formula
ASG D-saccharide, beta linking 2-acetamido-2-deoxy-4-O-sulfo-beta-D-galactopyranose 'C8 H15 N O9 S'
BDP D-saccharide, beta linking 'beta-D-glucopyranuronic acid' 'C6 H10 O7'
CA non-polymer 'CALCIUM ION' 'Ca 2'
E64 non-polymer N-[N-[1-HYDROXYCARBOXYETHYL-CARBONYL]LEUCYLAMINO-BUTYL]-GUANIDINE 'C15 H30 N5 O5 1'
#
# COMPACT_ATOMS: atom_id res chain seq x y z
N ALA A 1 -3.00 -21.56 2.21
CA ALA A 1 -3.65 -20.23 2.44
C ALA A 1 -5.15 -20.33 2.26
N PRO A 2 -5.92 -19.58 3.07
CA PRO A 2 -7.39 -19.61 2.98
C PRO A 2 -7.83 -19.20 1.57
N ASP A 3 -9.07 -19.50 1.21
CA ASP A 3 -9.59 -19.14 -0.10
C ASP A 3 -9.83 -17.64 -0.16
N SER A 4 -9.86 -17.00 1.00
CA SER A 4 -10.07 -15.56 1.05
C SER A 4 -9.69 -15.03 2.41
N VAL A 5 -9.25 -13.78 2.43
CA VAL A 5 -8.87 -13.11 3.67
C VAL A 5 -9.06 -11.62 3.43
N ASP A 6 -9.60 -10.95 4.43
CA ASP A 6 -9.87 -9.53 4.34
C ASP A 6 -9.40 -8.94 5.68
N TYR A 7 -8.19 -8.37 5.69
CA TYR A 7 -7.64 -7.80 6.92
C TYR A 7 -8.43 -6.65 7.52
N ARG A 8 -9.34 -6.08 6.73
CA ARG A 8 -10.16 -4.99 7.27
C ARG A 8 -11.07 -5.60 8.34
N LYS A 9 -11.35 -6.88 8.21
CA LYS A 9 -12.22 -7.58 9.17
C LYS A 9 -11.46 -7.94 10.44
N LYS A 10 -10.15 -7.74 10.42
CA LYS A 10 -9.30 -8.04 11.57
C LYS A 10 -8.78 -6.73 12.19
N GLY A 11 -9.20 -5.60 11.63
CA GLY A 11 -8.78 -4.32 12.14
C GLY A 11 -7.32 -3.95 11.90
N TYR A 12 -6.76 -4.42 10.79
CA TYR A 12 -5.36 -4.17 10.43
C TYR A 12 -5.24 -2.98 9.48
N VAL A 13 -6.39 -2.46 9.04
CA VAL A 13 -6.39 -1.38 8.07
C VAL A 13 -6.99 -0.09 8.59
N THR A 14 -6.24 1.01 8.45
CA THR A 14 -6.70 2.32 8.90
C THR A 14 -7.63 2.92 7.85
N PRO A 15 -8.27 4.05 8.19
CA PRO A 15 -9.18 4.70 7.23
C PRO A 15 -8.47 5.08 5.94
N VAL A 16 -9.24 5.18 4.86
CA VAL A 16 -8.70 5.55 3.56
C VAL A 16 -8.27 7.02 3.60
N LYS A 17 -7.06 7.29 3.10
CA LYS A 17 -6.53 8.66 3.08
C LYS A 17 -6.60 9.25 1.67
N ASN A 18 -6.31 10.54 1.57
CA ASN A 18 -6.31 11.22 0.28
C ASN A 18 -4.93 11.86 0.12
N GLN A 19 -4.16 11.39 -0.86
CA GLN A 19 -2.81 11.91 -1.07
C GLN A 19 -2.75 13.28 -1.71
N GLY A 20 -3.83 13.71 -2.36
CA GLY A 20 -3.82 15.01 -3.01
C GLY A 20 -3.02 14.95 -4.29
N GLN A 21 -2.58 16.11 -4.79
CA GLN A 21 -1.82 16.14 -6.04
C GLN A 21 -0.39 15.65 -5.92
N CYS A 22 0.12 15.64 -4.70
CA CYS A 22 1.48 15.17 -4.43
C CYS A 22 1.63 13.71 -4.89
N GLY A 23 2.74 13.41 -5.57
CA GLY A 23 2.97 12.04 -6.05
C GLY A 23 3.57 11.19 -4.94
N SER A 24 2.81 11.01 -3.86
CA SER A 24 3.23 10.26 -2.69
C SER A 24 2.57 8.90 -2.53
N CYS A 25 2.04 8.34 -3.62
CA CYS A 25 1.38 7.04 -3.50
C CYS A 25 2.29 6.03 -2.80
N TRP A 26 3.58 6.08 -3.11
CA TRP A 26 4.55 5.17 -2.52
C TRP A 26 4.59 5.28 -1.00
N ALA A 27 4.42 6.50 -0.50
CA ALA A 27 4.44 6.74 0.94
C ALA A 27 3.19 6.17 1.63
N PHE A 28 2.02 6.33 1.01
CA PHE A 28 0.81 5.78 1.60
C PHE A 28 0.83 4.26 1.55
N SER A 29 1.33 3.71 0.45
CA SER A 29 1.40 2.26 0.30
C SER A 29 2.30 1.68 1.38
N SER A 30 3.46 2.32 1.59
CA SER A 30 4.42 1.86 2.59
C SER A 30 3.84 1.98 3.99
N VAL A 31 3.24 3.13 4.29
CA VAL A 31 2.64 3.34 5.60
C VAL A 31 1.55 2.28 5.85
N GLY A 32 0.75 1.99 4.82
CA GLY A 32 -0.30 1.00 4.96
C GLY A 32 0.22 -0.37 5.35
N ALA A 33 1.30 -0.79 4.73
CA ALA A 33 1.88 -2.10 5.05
C ALA A 33 2.44 -2.10 6.45
N LEU A 34 3.05 -0.99 6.87
CA LEU A 34 3.61 -0.88 8.21
C LEU A 34 2.51 -0.85 9.27
N GLU A 35 1.41 -0.17 8.99
CA GLU A 35 0.28 -0.09 9.92
C GLU A 35 -0.27 -1.50 10.16
N GLY A 36 -0.32 -2.30 9.11
CA GLY A 36 -0.81 -3.67 9.22
C GLY A 36 0.08 -4.50 10.13
N GLN A 37 1.39 -4.41 9.93
CA GLN A 37 2.33 -5.16 10.76
C GLN A 37 2.31 -4.64 12.19
N LEU A 38 2.16 -3.33 12.35
CA LEU A 38 2.12 -2.75 13.70
C LEU A 38 0.94 -3.34 14.48
N LYS A 39 -0.23 -3.43 13.85
CA LYS A 39 -1.41 -3.99 14.50
C LYS A 39 -1.18 -5.46 14.87
N LYS A 40 -0.60 -6.21 13.95
CA LYS A 40 -0.32 -7.62 14.17
C LYS A 40 0.67 -7.87 15.32
N LYS A 41 1.67 -6.99 15.45
CA LYS A 41 2.67 -7.17 16.51
C LYS A 41 2.34 -6.50 17.84
N THR A 42 1.53 -5.44 17.83
CA THR A 42 1.20 -4.74 19.06
C THR A 42 -0.27 -4.84 19.48
N GLY A 43 -1.15 -5.10 18.53
CA GLY A 43 -2.57 -5.17 18.83
C GLY A 43 -3.24 -3.81 18.67
N LYS A 44 -2.44 -2.78 18.40
CA LYS A 44 -2.99 -1.44 18.23
C LYS A 44 -2.96 -0.98 16.77
N LEU A 45 -4.05 -0.34 16.34
CA LEU A 45 -4.14 0.18 14.97
C LEU A 45 -3.94 1.69 15.06
N LEU A 46 -2.91 2.20 14.39
CA LEU A 46 -2.59 3.62 14.41
C LEU A 46 -2.24 4.12 13.01
N ASN A 47 -2.51 5.39 12.75
CA ASN A 47 -2.17 6.01 11.47
C ASN A 47 -0.68 6.34 11.56
N LEU A 48 0.10 5.92 10.57
CA LEU A 48 1.52 6.24 10.56
C LEU A 48 1.66 7.42 9.59
N SER A 49 2.81 8.10 9.62
CA SER A 49 2.97 9.30 8.79
C SER A 49 3.63 9.24 7.42
N PRO A 50 2.82 9.38 6.36
CA PRO A 50 3.41 9.34 5.02
C PRO A 50 4.28 10.59 4.80
N GLN A 51 3.98 11.68 5.50
CA GLN A 51 4.75 12.91 5.36
C GLN A 51 6.18 12.70 5.87
N ASN A 52 6.31 11.91 6.91
CA ASN A 52 7.61 11.59 7.49
C ASN A 52 8.44 10.96 6.38
N LEU A 53 7.80 10.08 5.60
CA LEU A 53 8.49 9.42 4.50
C LEU A 53 8.77 10.40 3.35
N VAL A 54 7.75 11.16 2.97
CA VAL A 54 7.91 12.14 1.90
C VAL A 54 9.09 13.07 2.14
N ASP A 55 9.18 13.60 3.36
CA ASP A 55 10.25 14.57 3.69
C ASP A 55 11.60 13.97 4.00
N CYS A 56 11.63 12.73 4.49
CA CYS A 56 12.90 12.14 4.92
C CYS A 56 13.52 10.99 4.13
N VAL A 57 12.77 10.34 3.26
CA VAL A 57 13.35 9.25 2.48
C VAL A 57 14.11 9.90 1.33
N SER A 58 15.39 10.20 1.58
CA SER A 58 16.24 10.84 0.58
C SER A 58 16.47 10.01 -0.66
N GLU A 59 16.29 8.69 -0.55
CA GLU A 59 16.49 7.83 -1.71
C GLU A 59 15.31 7.98 -2.68
N ASN A 60 14.21 8.54 -2.20
CA ASN A 60 13.04 8.77 -3.05
C ASN A 60 13.00 10.24 -3.46
N ASP A 61 11.95 10.66 -4.16
CA ASP A 61 11.87 12.04 -4.63
C ASP A 61 10.64 12.81 -4.13
N GLY A 62 10.24 12.55 -2.89
CA GLY A 62 9.09 13.24 -2.31
C GLY A 62 7.83 13.18 -3.13
N CYS A 63 7.29 14.34 -3.49
CA CYS A 63 6.06 14.39 -4.29
C CYS A 63 6.36 14.07 -5.75
N GLY A 64 7.63 13.84 -6.05
CA GLY A 64 8.02 13.52 -7.41
C GLY A 64 8.01 12.02 -7.65
N GLY A 65 7.68 11.25 -6.61
CA GLY A 65 7.64 9.80 -6.76
C GLY A 65 8.67 9.07 -5.93
N GLY A 66 8.52 7.76 -5.84
CA GLY A 66 9.46 6.96 -5.06
C GLY A 66 9.10 5.49 -5.04
N TYR A 67 9.82 4.73 -4.23
CA TYR A 67 9.57 3.30 -4.10
C TYR A 67 9.30 2.90 -2.64
N MET A 68 8.52 1.84 -2.46
CA MET A 68 8.20 1.36 -1.12
C MET A 68 9.40 0.70 -0.47
N THR A 69 10.18 -0.06 -1.25
CA THR A 69 11.36 -0.69 -0.66
C THR A 69 12.27 0.37 -0.07
N ASN A 70 12.44 1.48 -0.78
CA ASN A 70 13.28 2.57 -0.30
C ASN A 70 12.73 3.11 1.02
N ALA A 71 11.41 3.19 1.11
CA ALA A 71 10.76 3.69 2.31
C ALA A 71 11.04 2.76 3.50
N PHE A 72 10.90 1.46 3.29
CA PHE A 72 11.16 0.51 4.37
C PHE A 72 12.62 0.55 4.81
N GLN A 73 13.53 0.73 3.86
CA GLN A 73 14.95 0.81 4.19
C GLN A 73 15.24 2.04 5.05
N TYR A 74 14.52 3.13 4.77
CA TYR A 74 14.68 4.36 5.55
C TYR A 74 14.23 4.13 7.00
N VAL A 75 13.03 3.59 7.17
CA VAL A 75 12.49 3.35 8.51
C VAL A 75 13.45 2.47 9.31
N GLN A 76 14.02 1.46 8.66
CA GLN A 76 14.96 0.57 9.34
C GLN A 76 16.21 1.34 9.77
N LYS A 77 16.82 2.06 8.84
CA LYS A 77 18.03 2.83 9.13
C LYS A 77 17.78 3.96 10.13
N ASN A 78 16.60 4.58 10.03
CA ASN A 78 16.24 5.70 10.90
C ASN A 78 15.82 5.23 12.29
N ARG A 79 15.61 3.92 12.43
CA ARG A 79 15.17 3.33 13.69
C ARG A 79 13.76 3.75 14.09
N GLY A 80 12.92 4.01 13.08
CA GLY A 80 11.54 4.38 13.38
C GLY A 80 10.85 5.29 12.39
N ILE A 81 9.54 5.40 12.55
CA ILE A 81 8.69 6.26 11.74
C ILE A 81 7.67 6.86 12.71
N ASP A 82 7.37 8.14 12.53
CA ASP A 82 6.41 8.84 13.39
C ASP A 82 4.96 8.47 13.07
N SER A 83 4.09 8.73 14.03
CA SER A 83 2.67 8.48 13.81
C SER A 83 2.19 9.70 13.02
N GLU A 84 1.02 9.59 12.39
CA GLU A 84 0.44 10.68 11.62
C GLU A 84 0.26 11.92 12.51
N ASP A 85 -0.21 11.73 13.74
CA ASP A 85 -0.42 12.87 14.63
C ASP A 85 0.87 13.59 14.98
N ALA A 86 1.97 12.86 15.00
CA ALA A 86 3.27 13.47 15.33
C ALA A 86 3.98 14.08 14.14
N TYR A 87 3.46 13.88 12.94
CA TYR A 87 4.06 14.40 11.71
C TYR A 87 2.96 14.42 10.65
N PRO A 88 2.04 15.39 10.73
CA PRO A 88 0.90 15.55 9.81
C PRO A 88 1.20 15.65 8.32
N TYR A 89 0.32 15.05 7.53
CA TYR A 89 0.45 15.07 6.08
C TYR A 89 -0.08 16.39 5.51
N VAL A 90 0.73 17.04 4.68
CA VAL A 90 0.32 18.30 4.09
C VAL A 90 0.31 18.26 2.55
N GLY A 91 0.77 17.15 1.99
CA GLY A 91 0.77 17.02 0.55
C GLY A 91 1.79 17.85 -0.21
N GLN A 92 2.89 18.21 0.44
CA GLN A 92 3.95 18.97 -0.20
C GLN A 92 5.26 18.66 0.52
N GLU A 93 6.36 18.77 -0.20
CA GLU A 93 7.67 18.48 0.37
C GLU A 93 8.14 19.57 1.32
N GLU A 94 8.77 19.14 2.41
CA GLU A 94 9.31 20.05 3.41
C GLU A 94 10.61 19.43 3.90
N SER A 95 11.35 20.17 4.72
CA SER A 95 12.60 19.63 5.26
C SER A 95 12.22 18.48 6.18
N CYS A 96 13.14 17.55 6.39
CA CYS A 96 12.85 16.42 7.27
C CYS A 96 12.74 16.90 8.73
N MET A 97 11.61 16.63 9.36
CA MET A 97 11.38 17.06 10.74
C MET A 97 11.06 15.89 11.66
N TYR A 98 11.58 14.71 11.31
CA TYR A 98 11.36 13.52 12.12
C TYR A 98 11.70 13.74 13.59
N ASN A 99 10.81 13.33 14.48
CA ASN A 99 11.04 13.47 15.92
C ASN A 99 10.87 12.09 16.55
N PRO A 100 11.97 11.51 17.05
CA PRO A 100 11.90 10.18 17.67
C PRO A 100 10.88 10.08 18.82
N THR A 101 10.56 11.21 19.43
CA THR A 101 9.59 11.22 20.53
C THR A 101 8.23 10.74 20.01
N GLY A 102 7.98 10.97 18.73
CA GLY A 102 6.71 10.57 18.12
C GLY A 102 6.76 9.23 17.39
N LYS A 103 7.84 8.49 17.59
CA LYS A 103 8.02 7.18 16.95
C LYS A 103 6.85 6.26 17.29
N ALA A 104 6.23 5.65 16.28
CA ALA A 104 5.11 4.76 16.51
C ALA A 104 5.34 3.36 15.94
N ALA A 105 6.42 3.19 15.16
CA ALA A 105 6.74 1.88 14.58
C ALA A 105 8.19 1.77 14.14
N LYS A 106 8.67 0.53 14.07
CA LYS A 106 10.04 0.25 13.62
C LYS A 106 9.97 -0.77 12.48
N CYS A 107 11.10 -0.93 11.79
CA CYS A 107 11.18 -1.86 10.66
C CYS A 107 12.55 -2.54 10.71
N ARG A 108 12.58 -3.86 10.54
CA ARG A 108 13.81 -4.62 10.58
C ARG A 108 14.25 -5.08 9.19
N GLY A 109 13.64 -4.52 8.16
CA GLY A 109 13.98 -4.92 6.80
C GLY A 109 12.71 -5.05 5.97
N TYR A 110 12.83 -5.71 4.82
CA TYR A 110 11.69 -5.90 3.94
C TYR A 110 11.91 -7.13 3.07
N ARG A 111 10.84 -7.61 2.46
CA ARG A 111 10.92 -8.75 1.57
C ARG A 111 10.11 -8.43 0.33
N GLU A 112 10.56 -8.94 -0.82
CA GLU A 112 9.84 -8.70 -2.04
C GLU A 112 9.22 -10.00 -2.53
N ILE A 113 8.07 -9.89 -3.18
CA ILE A 113 7.38 -11.05 -3.72
C ILE A 113 7.97 -11.32 -5.09
N PRO A 114 8.21 -12.61 -5.42
CA PRO A 114 8.76 -12.95 -6.73
C PRO A 114 7.95 -12.24 -7.82
N GLU A 115 8.66 -11.53 -8.69
CA GLU A 115 8.04 -10.76 -9.77
C GLU A 115 7.04 -11.51 -10.64
N GLY A 116 5.82 -10.99 -10.69
CA GLY A 116 4.76 -11.57 -11.50
C GLY A 116 4.04 -12.78 -10.94
N ASN A 117 4.48 -13.26 -9.79
CA ASN A 117 3.87 -14.45 -9.18
C ASN A 117 2.69 -14.11 -8.27
N GLU A 118 1.46 -14.27 -8.77
CA GLU A 118 0.28 -13.97 -7.97
C GLU A 118 0.01 -15.01 -6.89
N LYS A 119 0.54 -16.21 -7.08
CA LYS A 119 0.35 -17.26 -6.09
C LYS A 119 1.17 -16.89 -4.86
N ALA A 120 2.38 -16.40 -5.10
CA ALA A 120 3.27 -16.00 -4.03
C ALA A 120 2.71 -14.78 -3.31
N LEU A 121 2.10 -13.87 -4.07
CA LEU A 121 1.50 -12.68 -3.48
C LEU A 121 0.36 -13.12 -2.56
N LYS A 122 -0.43 -14.09 -3.02
CA LYS A 122 -1.56 -14.59 -2.24
C LYS A 122 -1.04 -15.18 -0.92
N ARG A 123 0.00 -16.01 -1.01
CA ARG A 123 0.57 -16.63 0.18
C ARG A 123 1.17 -15.60 1.13
N ALA A 124 1.78 -14.56 0.57
CA ALA A 124 2.37 -13.50 1.40
C ALA A 124 1.28 -12.72 2.12
N VAL A 125 0.19 -12.44 1.42
CA VAL A 125 -0.92 -11.70 2.05
C VAL A 125 -1.54 -12.53 3.17
N ALA A 126 -1.66 -13.83 2.93
CA ALA A 126 -2.24 -14.73 3.91
C ALA A 126 -1.37 -14.90 5.16
N ARG A 127 -0.07 -15.04 4.97
CA ARG A 127 0.85 -15.26 6.08
C ARG A 127 1.35 -14.01 6.80
N VAL A 128 1.48 -12.91 6.07
CA VAL A 128 2.00 -11.67 6.64
C VAL A 128 0.98 -10.62 7.02
N GLY A 129 0.13 -10.26 6.06
CA GLY A 129 -0.88 -9.23 6.27
C GLY A 129 -0.86 -8.33 5.06
N PRO A 130 -1.40 -7.10 5.14
CA PRO A 130 -1.40 -6.20 3.98
C PRO A 130 -0.02 -6.09 3.34
N VAL A 131 0.00 -6.12 2.00
CA VAL A 131 1.26 -6.03 1.26
C VAL A 131 1.24 -4.84 0.30
N SER A 132 2.37 -4.12 0.22
CA SER A 132 2.45 -2.98 -0.68
C SER A 132 2.60 -3.49 -2.11
N VAL A 133 1.84 -2.93 -3.04
CA VAL A 133 1.93 -3.34 -4.44
C VAL A 133 1.87 -2.13 -5.36
N ALA A 134 2.21 -2.33 -6.63
CA ALA A 134 2.17 -1.26 -7.62
C ALA A 134 1.40 -1.77 -8.84
N ILE A 135 0.68 -0.87 -9.48
CA ILE A 135 -0.14 -1.21 -10.64
C ILE A 135 -0.13 -0.10 -11.68
N ASP A 136 -0.80 -0.36 -12.80
CA ASP A 136 -0.97 0.63 -13.84
C ASP A 136 -2.36 1.15 -13.51
N ALA A 137 -2.45 2.39 -13.04
CA ALA A 137 -3.74 2.98 -12.69
C ALA A 137 -4.06 4.15 -13.62
N SER A 138 -3.52 4.11 -14.83
CA SER A 138 -3.69 5.19 -15.79
C SER A 138 -4.98 5.17 -16.60
N LEU A 139 -5.65 4.02 -16.65
CA LEU A 139 -6.88 3.92 -17.44
C LEU A 139 -8.08 4.66 -16.88
N THR A 140 -8.88 5.21 -17.79
CA THR A 140 -10.09 5.93 -17.43
C THR A 140 -11.02 4.98 -16.67
N SER A 141 -11.08 3.73 -17.12
CA SER A 141 -11.94 2.74 -16.48
C SER A 141 -11.54 2.50 -15.02
N PHE A 142 -10.24 2.58 -14.74
CA PHE A 142 -9.76 2.38 -13.37
C PHE A 142 -10.21 3.56 -12.50
N GLN A 143 -10.01 4.78 -12.99
CA GLN A 143 -10.37 5.97 -12.24
C GLN A 143 -11.86 6.13 -11.96
N PHE A 144 -12.70 5.55 -12.82
CA PHE A 144 -14.15 5.64 -12.61
C PHE A 144 -14.76 4.36 -12.06
N TYR A 145 -13.92 3.47 -11.56
CA TYR A 145 -14.41 2.23 -10.98
C TYR A 145 -15.38 2.54 -9.84
N SER A 146 -16.41 1.71 -9.69
CA SER A 146 -17.37 1.90 -8.61
C SER A 146 -17.73 0.59 -7.94
N LYS A 147 -17.79 -0.50 -8.70
CA LYS A 147 -18.14 -1.79 -8.13
C LYS A 147 -17.74 -2.99 -8.99
N GLY A 148 -17.84 -4.17 -8.40
CA GLY A 148 -17.49 -5.39 -9.13
C GLY A 148 -16.00 -5.65 -9.13
N VAL A 149 -15.59 -6.64 -9.92
CA VAL A 149 -14.17 -6.98 -10.01
C VAL A 149 -13.59 -6.33 -11.27
N TYR A 150 -12.68 -5.40 -11.05
CA TYR A 150 -12.05 -4.65 -12.13
C TYR A 150 -11.09 -5.42 -13.04
N TYR A 151 -11.34 -5.29 -14.34
CA TYR A 151 -10.49 -5.91 -15.34
C TYR A 151 -10.66 -5.13 -16.64
N ASP A 152 -9.54 -4.69 -17.20
CA ASP A 152 -9.52 -3.95 -18.45
C ASP A 152 -8.31 -4.50 -19.20
N GLU A 153 -8.54 -5.18 -20.32
CA GLU A 153 -7.46 -5.76 -21.09
C GLU A 153 -6.42 -4.74 -21.55
N SER A 154 -6.75 -3.45 -21.46
CA SER A 154 -5.80 -2.41 -21.86
C SER A 154 -4.77 -2.09 -20.77
N CYS A 155 -4.98 -2.60 -19.56
CA CYS A 155 -4.03 -2.34 -18.48
C CYS A 155 -2.69 -2.92 -18.91
N ASN A 156 -1.61 -2.17 -18.66
CA ASN A 156 -0.27 -2.59 -19.05
C ASN A 156 0.54 -2.96 -17.82
N SER A 157 0.80 -4.26 -17.64
CA SER A 157 1.55 -4.73 -16.50
C SER A 157 2.99 -4.23 -16.51
N ASP A 158 3.43 -3.68 -17.62
CA ASP A 158 4.80 -3.16 -17.75
C ASP A 158 4.85 -1.65 -17.55
N ASN A 159 3.70 -1.04 -17.26
CA ASN A 159 3.63 0.39 -17.06
C ASN A 159 3.13 0.70 -15.65
N LEU A 160 3.89 0.26 -14.64
CA LEU A 160 3.50 0.50 -13.25
C LEU A 160 3.65 1.99 -12.97
N ASN A 161 2.63 2.61 -12.39
CA ASN A 161 2.71 4.05 -12.13
C ASN A 161 2.03 4.48 -10.83
N HIS A 162 1.43 3.54 -10.11
CA HIS A 162 0.71 3.88 -8.89
C HIS A 162 0.79 2.79 -7.82
N ALA A 163 1.29 3.16 -6.63
CA ALA A 163 1.41 2.22 -5.53
C ALA A 163 0.14 2.22 -4.69
N VAL A 164 -0.30 1.02 -4.29
CA VAL A 164 -1.49 0.86 -3.47
C VAL A 164 -1.26 -0.22 -2.42
N LEU A 165 -2.32 -0.65 -1.74
CA LEU A 165 -2.16 -1.66 -0.69
C LEU A 165 -3.11 -2.84 -0.86
N ALA A 166 -2.56 -4.05 -0.93
CA ALA A 166 -3.38 -5.25 -1.04
C ALA A 166 -3.72 -5.65 0.40
N VAL A 167 -4.96 -5.44 0.81
CA VAL A 167 -5.35 -5.77 2.18
C VAL A 167 -6.07 -7.12 2.26
N GLY A 168 -6.14 -7.81 1.14
CA GLY A 168 -6.79 -9.11 1.13
C GLY A 168 -7.01 -9.63 -0.27
N TYR A 169 -7.77 -10.71 -0.37
CA TYR A 169 -8.07 -11.33 -1.66
C TYR A 169 -9.26 -12.25 -1.43
N GLY A 170 -9.98 -12.54 -2.50
CA GLY A 170 -11.14 -13.41 -2.35
C GLY A 170 -11.80 -13.64 -3.68
N ILE A 171 -13.12 -13.77 -3.65
CA ILE A 171 -13.88 -14.02 -4.86
C ILE A 171 -15.25 -13.40 -4.71
N GLN A 172 -15.73 -12.78 -5.78
CA GLN A 172 -17.04 -12.14 -5.79
C GLN A 172 -17.79 -12.65 -7.01
N LYS A 173 -18.88 -13.37 -6.77
CA LYS A 173 -19.69 -13.93 -7.84
C LYS A 173 -18.82 -14.67 -8.86
N GLY A 174 -18.00 -15.58 -8.37
CA GLY A 174 -17.14 -16.35 -9.26
C GLY A 174 -15.88 -15.67 -9.76
N ASN A 175 -15.73 -14.38 -9.49
CA ASN A 175 -14.57 -13.63 -9.96
C ASN A 175 -13.55 -13.43 -8.84
N LYS A 176 -12.41 -14.09 -8.96
CA LYS A 176 -11.34 -13.96 -7.96
C LYS A 176 -10.76 -12.56 -8.04
N HIS A 177 -10.39 -12.00 -6.89
CA HIS A 177 -9.88 -10.65 -6.88
C HIS A 177 -8.88 -10.38 -5.78
N TRP A 178 -8.36 -9.16 -5.78
CA TRP A 178 -7.43 -8.65 -4.77
C TRP A 178 -8.20 -7.49 -4.17
N ILE A 179 -8.19 -7.36 -2.85
CA ILE A 179 -8.88 -6.24 -2.21
C ILE A 179 -7.82 -5.14 -2.10
N ILE A 180 -8.01 -4.07 -2.87
CA ILE A 180 -7.05 -2.99 -2.93
C ILE A 180 -7.47 -1.67 -2.27
N LYS A 181 -6.62 -1.19 -1.38
CA LYS A 181 -6.87 0.07 -0.69
C LYS A 181 -6.10 1.15 -1.46
N ASN A 182 -6.82 2.16 -1.94
CA ASN A 182 -6.19 3.25 -2.68
C ASN A 182 -6.01 4.43 -1.73
N SER A 183 -5.38 5.50 -2.24
CA SER A 183 -5.14 6.70 -1.46
C SER A 183 -5.73 7.93 -2.16
N TRP A 184 -6.89 7.76 -2.77
CA TRP A 184 -7.54 8.86 -3.47
C TRP A 184 -8.81 9.33 -2.74
N GLY A 185 -8.86 9.13 -1.42
CA GLY A 185 -10.02 9.55 -0.66
C GLY A 185 -11.11 8.51 -0.56
N GLU A 186 -12.00 8.68 0.42
CA GLU A 186 -13.09 7.73 0.63
C GLU A 186 -14.18 7.78 -0.43
N ASN A 187 -14.23 8.85 -1.20
CA ASN A 187 -15.25 8.96 -2.23
C ASN A 187 -14.88 8.30 -3.56
N TRP A 188 -13.61 7.94 -3.73
CA TRP A 188 -13.18 7.30 -4.97
C TRP A 188 -13.48 5.81 -4.88
N GLY A 189 -13.77 5.19 -6.03
CA GLY A 189 -14.05 3.77 -6.08
C GLY A 189 -15.19 3.38 -5.16
N ASN A 190 -15.01 2.28 -4.42
CA ASN A 190 -16.02 1.83 -3.48
C ASN A 190 -15.51 2.18 -2.09
N LYS A 191 -15.84 3.37 -1.63
CA LYS A 191 -15.40 3.84 -0.32
C LYS A 191 -13.87 3.83 -0.21
N GLY A 192 -13.22 4.16 -1.31
CA GLY A 192 -11.77 4.22 -1.34
C GLY A 192 -11.08 2.95 -1.80
N TYR A 193 -11.87 1.89 -2.00
CA TYR A 193 -11.32 0.60 -2.42
C TYR A 193 -11.72 0.16 -3.82
N ILE A 194 -10.99 -0.83 -4.32
CA ILE A 194 -11.26 -1.42 -5.62
C ILE A 194 -10.89 -2.91 -5.56
N LEU A 195 -11.75 -3.75 -6.14
CA LEU A 195 -11.48 -5.18 -6.20
C LEU A 195 -10.87 -5.39 -7.57
N MET A 196 -9.64 -5.90 -7.62
CA MET A 196 -8.95 -6.09 -8.88
C MET A 196 -8.75 -7.56 -9.23
N ALA A 197 -9.03 -7.89 -10.49
CA ALA A 197 -8.91 -9.25 -10.99
C ALA A 197 -7.65 -9.95 -10.55
N ARG A 198 -7.82 -11.14 -9.98
CA ARG A 198 -6.72 -11.96 -9.50
C ARG A 198 -6.63 -13.21 -10.36
N ASN A 199 -5.41 -13.65 -10.61
CA ASN A 199 -5.16 -14.84 -11.43
C ASN A 199 -5.63 -14.66 -12.87
N LYS A 200 -5.58 -13.42 -13.36
CA LYS A 200 -5.96 -13.15 -14.73
C LYS A 200 -4.75 -12.62 -15.45
N ASN A 201 -3.69 -13.41 -15.43
CA ASN A 201 -2.43 -13.07 -16.07
C ASN A 201 -1.80 -11.80 -15.51
N ASN A 202 -1.76 -11.71 -14.18
CA ASN A 202 -1.13 -10.57 -13.52
C ASN A 202 -1.67 -9.23 -14.03
N ALA A 203 -3.00 -9.12 -14.09
CA ALA A 203 -3.67 -7.92 -14.57
C ALA A 203 -3.18 -6.64 -13.90
N CYS A 204 -2.86 -5.65 -14.72
CA CYS A 204 -2.38 -4.34 -14.29
C CYS A 204 -1.03 -4.40 -13.59
N GLY A 205 -0.38 -5.56 -13.63
CA GLY A 205 0.93 -5.71 -13.01
C GLY A 205 0.89 -5.81 -11.50
N ILE A 206 -0.25 -6.23 -10.96
CA ILE A 206 -0.43 -6.33 -9.52
C ILE A 206 0.69 -7.06 -8.75
N ALA A 207 1.31 -8.06 -9.36
CA ALA A 207 2.37 -8.80 -8.67
C ALA A 207 3.80 -8.47 -9.15
N ASN A 208 3.95 -7.39 -9.89
CA ASN A 208 5.28 -7.03 -10.41
C ASN A 208 6.18 -6.25 -9.46
N LEU A 209 5.60 -5.55 -8.50
CA LEU A 209 6.42 -4.77 -7.57
C LEU A 209 5.81 -4.79 -6.18
N ALA A 210 5.67 -5.98 -5.62
CA ALA A 210 5.08 -6.15 -4.30
C ALA A 210 6.14 -6.39 -3.24
N SER A 211 5.91 -5.84 -2.05
CA SER A 211 6.85 -5.99 -0.94
C SER A 211 6.16 -5.72 0.38
N PHE A 212 6.79 -6.16 1.46
CA PHE A 212 6.24 -5.93 2.79
C PHE A 212 7.37 -5.74 3.77
N PRO A 213 7.13 -4.93 4.82
CA PRO A 213 8.15 -4.67 5.83
C PRO A 213 8.22 -5.78 6.88
N LYS A 214 9.41 -5.99 7.40
CA LYS A 214 9.63 -6.97 8.46
C LYS A 214 9.57 -6.19 9.77
N MET A 215 8.90 -6.76 10.77
CA MET A 215 8.76 -6.10 12.06
C MET A 215 8.78 -7.17 13.16
C1 BDP B . -23.21 0.91 -1.90
C2 BDP B . -22.07 1.03 -0.93
C3 BDP B . -21.11 -0.11 -1.23
C4 BDP B . -21.84 -1.45 -1.02
C5 BDP B . -23.04 -1.51 -1.98
C6 BDP B . -23.88 -2.78 -1.83
O2 BDP B . -21.44 2.30 -1.13
O3 BDP B . -19.99 -0.03 -0.33
O4 BDP B . -21.01 -2.47 -1.45
O5 BDP B . -23.91 -0.37 -1.77
O6A BDP B . -23.74 -3.60 -2.76
O1 BDP B . -24.24 1.99 -1.72
O6B BDP B . -24.59 -2.83 -0.81
C1 ASG B . -20.34 -3.30 -0.60
C2 ASG B . -19.85 -4.52 -1.36
C3 ASG B . -19.04 -5.37 -0.39
C4 ASG B . -17.86 -4.54 0.14
C5 ASG B . -18.44 -3.32 0.89
C6 ASG B . -17.39 -2.42 1.47
C7 ASG B . -21.10 -5.61 -3.25
C8 ASG B . -22.34 -6.40 -3.58
N2 ASG B . -21.00 -5.29 -1.90
O3 ASG B . -18.55 -6.45 -1.11
O4 ASG B . -17.08 -4.08 -0.97
O5 ASG B . -19.24 -2.54 -0.03
O6 ASG B . -17.94 -1.55 2.44
O7 ASG B . -20.27 -5.31 -4.09
OSA ASG B . -15.23 -5.69 -0.47
OSB ASG B . -14.85 -3.39 -0.09
OSC ASG B . -14.99 -4.21 -2.31
S ASG B . -15.50 -4.35 -0.96
C1 BDP B . -18.93 -7.69 -0.62
C2 BDP B . -18.46 -8.77 -1.56
C3 BDP B . -18.86 -10.12 -0.99
C4 BDP B . -18.19 -10.27 0.39
C5 BDP B . -18.71 -9.14 1.30
C6 BDP B . -18.11 -9.17 2.71
O2 BDP B . -19.07 -8.57 -2.84
O3 BDP B . -18.39 -11.15 -1.88
O4 BDP B . -18.56 -11.50 0.92
O5 BDP B . -18.36 -7.85 0.71
O6A BDP B . -18.94 -9.06 3.63
O6B BDP B . -16.86 -9.31 2.77
C1 ASG B . -17.56 -12.34 1.37
C2 ASG B . -18.18 -13.47 2.21
C3 ASG B . -17.06 -14.41 2.65
C4 ASG B . -16.33 -14.96 1.41
C5 ASG B . -15.75 -13.77 0.59
C6 ASG B . -15.04 -14.19 -0.66
C7 ASG B . -20.22 -12.56 3.37
C8 ASG B . -20.71 -12.01 4.70
N2 ASG B . -18.88 -12.91 3.40
O3 ASG B . -17.61 -15.46 3.42
O4 ASG B . -17.24 -15.69 0.58
O5 ASG B . -16.83 -12.86 0.22
O6 ASG B . -14.17 -13.15 -1.13
O7 ASG B . -20.95 -12.67 2.41
OSA ASG B . -16.74 -17.90 1.60
OSB ASG B . -15.66 -17.34 -0.42
OSC ASG B . -17.97 -17.85 -0.42
S ASG B . -16.90 -17.23 0.33
C1 BDP B . -17.19 -15.54 4.76
C2 BDP B . -15.69 -15.88 4.83
C3 BDP B . -15.24 -15.91 6.27
C4 BDP B . -15.52 -14.51 6.86
C5 BDP B . -17.04 -14.24 6.81
C6 BDP B . -17.42 -12.88 7.39
O2 BDP B . -15.48 -17.13 4.19
O3 BDP B . -13.85 -16.21 6.31
O4 BDP B . -15.04 -14.40 8.15
O5 BDP B . -17.47 -14.28 5.41
O6A BDP B . -17.94 -12.93 8.54
O6B BDP B . -17.17 -11.90 6.67
C1 ASG B . -14.10 -13.53 8.71
C2 ASG B . -13.86 -13.95 10.13
C3 ASG B . -12.74 -13.03 10.86
C4 ASG B . -11.47 -13.14 9.94
C5 ASG B . -11.83 -12.71 8.49
C6 ASG B . -10.64 -12.80 7.56
C7 ASG B . -15.88 -15.07 11.16
C8 ASG B . -17.17 -14.79 11.89
N2 ASG B . -15.16 -13.89 10.87
O4 ASG B . -11.06 -14.51 9.91
O5 ASG B . -12.87 -13.57 7.95
O6 ASG B . -11.03 -12.50 6.22
O7 ASG B . -15.52 -16.20 10.84
OSA ASG B . -8.61 -14.16 9.95
OSB ASG B . -9.47 -16.31 10.49
OSC ASG B . -9.74 -14.50 12.00
S ASG B . -9.68 -14.88 10.61
CA CA C . 16.79 1.09 -2.08
C1 E64 D . 1.24 8.37 -7.21
O1 E64 D . 0.20 8.22 -7.85
O2 E64 D . 1.41 9.29 -6.39
C2 E64 D . 2.38 7.37 -7.42
C3 E64 D . 3.71 8.17 -7.53
O3 E64 D . 3.74 8.84 -8.80
C4 E64 D . 4.93 7.26 -7.47
O4 E64 D . 5.66 7.24 -6.48
N1 E64 D . 5.16 6.53 -8.55
C6 E64 D . 6.30 5.61 -8.66
C7 E64 D . 5.86 4.36 -9.42
C8 E64 D . 5.28 3.12 -8.75
C9 E64 D . 5.50 1.94 -9.67
C10 E64 D . 5.91 2.83 -7.37
C11 E64 D . 7.47 6.25 -9.40
O5 E64 D . 7.27 7.01 -10.35
N2 E64 D . 8.69 5.94 -8.94
C12 E64 D . 9.95 6.43 -9.50
C13 E64 D . 10.53 7.63 -8.73
C14 E64 D . 11.76 8.18 -9.44
C15 E64 D . 13.02 7.35 -9.13
N3 E64 D . 14.01 8.07 -8.31
C16 E64 D . 14.12 7.97 -6.98
N4 E64 D . 14.67 8.98 -6.30
N5 E64 D . 13.70 6.89 -6.32
#